data_8IT9
#
_entry.id   8IT9
#
_cell.length_a   142.189
_cell.length_b   142.189
_cell.length_c   84.358
_cell.angle_alpha   90.00
_cell.angle_beta   90.00
_cell.angle_gamma   120.00
#
_symmetry.space_group_name_H-M   'H 3'
#
loop_
_entity.id
_entity.type
_entity.pdbx_description
1 polymer 'Alpha-ketoglutarate-dependent dioxygenase FTO'
2 non-polymer '2-[(2,6-diethyl-4-pyridin-4-yl-phenyl)amino]-6-(1,4-oxazepan-4-ylmethyl)benzoic acid'
3 non-polymer '2-OXOGLUTARIC ACID'
4 water water
#
_entity_poly.entity_id   1
_entity_poly.type   'polypeptide(L)'
_entity_poly.pdbx_seq_one_letter_code
;HHHHHHSSGLVPRGSHMTPKDDEFYQQWQLKYPKLILREASSVSEELHKEVQEAFLTLHKHGCLFRDLVRIQGKDLLTPV
SRILIGNPGCTYKYLNTRLFTVPWPVKGSNIKHTEAEIAAACETFLKLNDYLQIETIQALEELAAKEKANEDAVPLCMSA
DFPRVGMGSSYNGQDEVDIKSRAAYNVTLLNFMDPQKMPYLKEEPYFGMGKMAVSWHHDENLVDRSAVAVYSYSCEGPEE
ESEDDSHLEGRDPDIWHVGFKISWDIETPGLAIPLHQGDCYFMLDDLNATHQHCVLAGSQPRFSSTHRVAECSTGTLDYI
LQRCQLALQNVCDDVDNDDVSLKSFEPAVLKQGEEIHNEVEFEWLRQFWFQGNRYRKCTDWWCQPMAQLEALWKKMEGVT
NAVLHEVKREGLPVEQRNEILTAILASLTARQNLRREWHARCQSRIARTLPADQKPECRPYWEKDDASMPLPFDLTDIVS
ELRGQLLEAKP
;
_entity_poly.pdbx_strand_id   A
#
loop_
_chem_comp.id
_chem_comp.type
_chem_comp.name
_chem_comp.formula
AKG non-polymer '2-OXOGLUTARIC ACID' 'C5 H6 O5'
ZL6 non-polymer '2-[(2,6-diethyl-4-pyridin-4-yl-phenyl)amino]-6-(1,4-oxazepan-4-ylmethyl)benzoic acid' 'C28 H33 N3 O3'
#
# COMPACT_ATOMS: atom_id res chain seq x y z
N GLY A 14 17.96 -24.33 -14.41
CA GLY A 14 17.90 -24.09 -12.94
C GLY A 14 17.11 -25.12 -12.17
N SER A 15 17.32 -25.14 -10.85
CA SER A 15 16.70 -26.13 -9.95
C SER A 15 16.34 -25.51 -8.60
N HIS A 16 15.53 -26.22 -7.82
CA HIS A 16 15.18 -25.81 -6.47
C HIS A 16 15.36 -26.94 -5.46
N MET A 17 15.32 -26.58 -4.18
CA MET A 17 15.52 -27.52 -3.08
C MET A 17 14.38 -27.45 -2.06
N THR A 18 13.93 -28.62 -1.62
CA THR A 18 12.89 -28.78 -0.61
C THR A 18 13.44 -29.70 0.50
N PRO A 19 12.66 -29.92 1.59
CA PRO A 19 13.09 -30.89 2.62
C PRO A 19 13.39 -32.32 2.13
N LYS A 20 12.88 -32.70 0.95
CA LYS A 20 13.24 -33.98 0.33
C LYS A 20 14.71 -34.08 -0.11
N ASP A 21 15.32 -32.94 -0.45
CA ASP A 21 16.71 -32.91 -0.94
C ASP A 21 17.69 -32.87 0.23
N ASP A 22 18.76 -33.67 0.13
CA ASP A 22 19.77 -33.78 1.19
C ASP A 22 20.48 -32.46 1.50
N GLU A 23 20.76 -31.69 0.45
CA GLU A 23 21.48 -30.40 0.57
C GLU A 23 20.65 -29.24 1.15
N PHE A 24 19.32 -29.40 1.21
CA PHE A 24 18.38 -28.36 1.68
C PHE A 24 18.73 -27.73 3.03
N TYR A 25 19.20 -28.56 3.95
CA TYR A 25 19.30 -28.20 5.36
C TYR A 25 20.56 -27.36 5.59
N GLN A 26 21.68 -27.78 5.00
CA GLN A 26 22.92 -27.00 5.04
C GLN A 26 22.84 -25.70 4.22
N GLN A 27 22.10 -25.73 3.11
CA GLN A 27 21.89 -24.54 2.28
C GLN A 27 21.09 -23.47 3.02
N TRP A 28 20.03 -23.90 3.73
CA TRP A 28 19.26 -23.01 4.60
C TRP A 28 20.19 -22.41 5.68
N GLN A 29 20.89 -23.29 6.39
CA GLN A 29 21.79 -22.88 7.49
C GLN A 29 22.82 -21.83 7.08
N LEU A 30 23.51 -22.08 5.97
CA LEU A 30 24.64 -21.23 5.55
C LEU A 30 24.22 -20.01 4.72
N LYS A 31 23.21 -20.15 3.86
CA LYS A 31 22.80 -19.07 2.93
C LYS A 31 21.47 -18.39 3.27
N TYR A 32 20.71 -18.92 4.24
CA TYR A 32 19.45 -18.29 4.69
C TYR A 32 19.31 -18.23 6.21
N PRO A 33 20.36 -17.76 6.93
CA PRO A 33 20.23 -17.62 8.39
C PRO A 33 19.15 -16.62 8.84
N LYS A 34 18.81 -15.65 7.98
CA LYS A 34 17.79 -14.65 8.27
C LYS A 34 16.35 -15.06 7.90
N LEU A 35 16.18 -16.28 7.40
CA LEU A 35 14.87 -16.89 7.20
C LEU A 35 14.60 -17.85 8.35
N ILE A 36 13.56 -17.55 9.14
CA ILE A 36 13.16 -18.40 10.28
C ILE A 36 11.82 -19.07 9.95
N LEU A 37 11.68 -20.34 10.34
CA LEU A 37 10.41 -21.06 10.28
C LEU A 37 10.04 -21.49 11.69
N ARG A 38 8.91 -21.00 12.19
CA ARG A 38 8.31 -21.46 13.45
C ARG A 38 7.08 -22.27 13.08
N GLU A 39 7.16 -23.59 13.27
CA GLU A 39 6.09 -24.49 12.84
C GLU A 39 4.88 -24.39 13.75
N ALA A 40 3.76 -24.96 13.29
CA ALA A 40 2.46 -24.86 13.96
C ALA A 40 2.47 -25.29 15.43
N SER A 41 3.27 -26.32 15.74
CA SER A 41 3.37 -26.85 17.11
C SER A 41 3.95 -25.86 18.14
N SER A 42 4.74 -24.89 17.68
CA SER A 42 5.29 -23.83 18.55
C SER A 42 4.26 -22.77 18.95
N VAL A 43 3.15 -22.66 18.21
CA VAL A 43 2.07 -21.69 18.48
C VAL A 43 0.90 -22.39 19.18
N SER A 44 0.27 -21.69 20.12
CA SER A 44 -0.85 -22.23 20.91
C SER A 44 -2.06 -22.60 20.08
N GLU A 45 -2.72 -23.69 20.46
CA GLU A 45 -3.96 -24.14 19.80
C GLU A 45 -5.12 -23.15 19.98
N GLU A 46 -5.10 -22.40 21.08
CA GLU A 46 -6.08 -21.32 21.32
C GLU A 46 -5.93 -20.19 20.30
N LEU A 47 -4.68 -19.77 20.07
CA LEU A 47 -4.38 -18.73 19.08
C LEU A 47 -4.64 -19.22 17.64
N HIS A 48 -4.35 -20.50 17.37
CA HIS A 48 -4.68 -21.12 16.08
C HIS A 48 -6.18 -21.03 15.79
N LYS A 49 -6.98 -21.51 16.73
CA LYS A 49 -8.45 -21.51 16.59
C LYS A 49 -9.02 -20.11 16.38
N GLU A 50 -8.52 -19.15 17.16
CA GLU A 50 -9.01 -17.76 17.11
C GLU A 50 -8.64 -17.07 15.79
N VAL A 51 -7.38 -17.21 15.38
CA VAL A 51 -6.89 -16.62 14.12
C VAL A 51 -7.60 -17.23 12.90
N GLN A 52 -7.73 -18.56 12.89
CA GLN A 52 -8.38 -19.26 11.77
C GLN A 52 -9.88 -18.98 11.69
N GLU A 53 -10.53 -18.86 12.83
CA GLU A 53 -11.94 -18.42 12.90
C GLU A 53 -12.10 -16.98 12.40
N ALA A 54 -11.14 -16.11 12.73
CA ALA A 54 -11.14 -14.72 12.28
C ALA A 54 -10.97 -14.58 10.76
N PHE A 55 -10.13 -15.43 10.17
CA PHE A 55 -10.00 -15.52 8.70
C PHE A 55 -11.33 -15.84 8.03
N LEU A 56 -12.01 -16.86 8.53
CA LEU A 56 -13.28 -17.32 7.98
C LEU A 56 -14.43 -16.33 8.21
N THR A 57 -14.37 -15.56 9.30
CA THR A 57 -15.34 -14.49 9.57
C THR A 57 -15.22 -13.37 8.53
N LEU A 58 -13.99 -12.95 8.28
CA LEU A 58 -13.71 -11.91 7.32
C LEU A 58 -14.10 -12.34 5.92
N HIS A 59 -13.83 -13.57 5.57
CA HIS A 59 -14.18 -14.13 4.26
C HIS A 59 -15.69 -14.27 4.07
N LYS A 60 -16.38 -14.75 5.11
CA LYS A 60 -17.85 -14.93 5.07
C LYS A 60 -18.60 -13.60 4.93
N HIS A 61 -18.18 -12.61 5.73
CA HIS A 61 -18.76 -11.26 5.68
C HIS A 61 -18.41 -10.47 4.40
N GLY A 62 -17.44 -10.94 3.63
CA GLY A 62 -17.09 -10.34 2.35
C GLY A 62 -16.16 -9.15 2.50
N CYS A 63 -15.20 -9.28 3.43
CA CYS A 63 -14.25 -8.20 3.73
C CYS A 63 -13.00 -8.20 2.85
N LEU A 64 -12.76 -9.31 2.16
CA LEU A 64 -11.56 -9.48 1.32
C LEU A 64 -11.88 -9.17 -0.15
N PHE A 65 -11.07 -8.30 -0.75
CA PHE A 65 -11.25 -7.86 -2.14
C PHE A 65 -9.94 -7.92 -2.92
N ARG A 66 -10.05 -8.18 -4.22
CA ARG A 66 -8.88 -8.15 -5.11
C ARG A 66 -8.56 -6.68 -5.43
N ASP A 67 -7.28 -6.33 -5.35
CA ASP A 67 -6.84 -4.96 -5.66
C ASP A 67 -6.61 -4.78 -7.15
N LEU A 68 -6.98 -3.63 -7.67
CA LEU A 68 -6.75 -3.32 -9.06
C LEU A 68 -5.47 -2.49 -9.08
N VAL A 69 -4.37 -3.12 -9.38
CA VAL A 69 -3.04 -2.50 -9.31
C VAL A 69 -2.46 -2.22 -10.69
N ARG A 70 -1.32 -1.55 -10.72
CA ARG A 70 -0.60 -1.26 -11.97
C ARG A 70 0.79 -1.90 -11.98
N ILE A 71 1.09 -2.62 -13.05
CA ILE A 71 2.40 -3.23 -13.29
C ILE A 71 2.85 -2.85 -14.70
N GLN A 72 3.84 -1.95 -14.77
CA GLN A 72 4.43 -1.52 -16.05
C GLN A 72 3.38 -1.06 -17.07
N GLY A 73 2.55 -0.11 -16.66
CA GLY A 73 1.53 0.50 -17.52
C GLY A 73 0.28 -0.31 -17.82
N LYS A 74 0.09 -1.43 -17.11
CA LYS A 74 -1.05 -2.34 -17.34
C LYS A 74 -1.88 -2.48 -16.08
N ASP A 75 -3.19 -2.38 -16.22
CA ASP A 75 -4.12 -2.51 -15.09
C ASP A 75 -4.40 -4.00 -14.85
N LEU A 76 -4.12 -4.46 -13.62
CA LEU A 76 -4.20 -5.88 -13.28
C LEU A 76 -4.87 -6.12 -11.94
N LEU A 77 -5.81 -7.06 -11.91
CA LEU A 77 -6.38 -7.57 -10.65
C LEU A 77 -5.38 -8.50 -9.99
N THR A 78 -5.25 -8.40 -8.67
CA THR A 78 -4.38 -9.30 -7.93
C THR A 78 -5.01 -10.70 -7.89
N PRO A 79 -4.18 -11.77 -7.97
CA PRO A 79 -4.71 -13.12 -7.90
C PRO A 79 -5.22 -13.49 -6.50
N VAL A 80 -4.80 -12.72 -5.49
CA VAL A 80 -5.20 -12.88 -4.10
C VAL A 80 -6.23 -11.78 -3.77
N SER A 81 -7.21 -12.11 -2.94
CA SER A 81 -8.12 -11.12 -2.34
C SER A 81 -7.59 -10.74 -0.96
N ARG A 82 -7.69 -9.46 -0.61
CA ARG A 82 -6.93 -8.87 0.49
C ARG A 82 -7.73 -7.92 1.37
N ILE A 83 -7.15 -7.63 2.55
CA ILE A 83 -7.60 -6.54 3.41
C ILE A 83 -6.42 -6.06 4.26
N LEU A 84 -6.29 -4.75 4.43
CA LEU A 84 -5.27 -4.16 5.28
C LEU A 84 -5.86 -3.84 6.65
N ILE A 85 -5.31 -4.46 7.69
CA ILE A 85 -5.67 -4.18 9.07
C ILE A 85 -4.41 -3.60 9.73
N GLY A 86 -4.59 -2.58 10.57
CA GLY A 86 -3.44 -1.94 11.21
C GLY A 86 -3.78 -0.77 12.10
N ASN A 87 -2.78 0.05 12.39
CA ASN A 87 -2.94 1.22 13.25
C ASN A 87 -3.92 2.22 12.60
N PRO A 88 -4.76 2.89 13.43
CA PRO A 88 -5.66 3.92 12.90
C PRO A 88 -4.92 5.02 12.14
N GLY A 89 -5.41 5.34 10.95
CA GLY A 89 -4.84 6.39 10.11
C GLY A 89 -3.60 6.02 9.30
N CYS A 90 -3.14 4.77 9.38
CA CYS A 90 -1.94 4.31 8.67
C CYS A 90 -2.32 3.75 7.30
N THR A 91 -1.41 3.88 6.34
CA THR A 91 -1.59 3.33 4.99
C THR A 91 -0.35 2.54 4.53
N TYR A 92 -0.55 1.69 3.53
CA TYR A 92 0.52 0.92 2.90
C TYR A 92 0.35 0.96 1.39
N LYS A 93 1.40 1.40 0.70
CA LYS A 93 1.37 1.60 -0.75
C LYS A 93 2.28 0.60 -1.47
N TYR A 94 1.73 -0.05 -2.49
CA TYR A 94 2.48 -0.97 -3.36
C TYR A 94 1.86 -0.96 -4.76
N LEU A 95 2.69 -1.09 -5.78
CA LEU A 95 2.24 -1.12 -7.18
C LEU A 95 1.28 0.04 -7.55
N ASN A 96 1.64 1.23 -7.08
CA ASN A 96 0.87 2.47 -7.22
C ASN A 96 -0.58 2.39 -6.68
N THR A 97 -0.75 1.66 -5.59
CA THR A 97 -2.06 1.47 -4.96
C THR A 97 -1.91 1.58 -3.44
N ARG A 98 -2.51 2.61 -2.87
CA ARG A 98 -2.44 2.88 -1.43
C ARG A 98 -3.64 2.23 -0.76
N LEU A 99 -3.36 1.27 0.13
CA LEU A 99 -4.38 0.63 0.95
C LEU A 99 -4.50 1.36 2.28
N PHE A 100 -5.73 1.54 2.73
CA PHE A 100 -6.06 2.26 3.95
C PHE A 100 -6.49 1.26 5.01
N THR A 101 -5.99 1.40 6.23
CA THR A 101 -6.21 0.41 7.29
C THR A 101 -7.65 0.35 7.77
N VAL A 102 -8.14 -0.87 7.95
CA VAL A 102 -9.29 -1.13 8.82
C VAL A 102 -8.66 -1.16 10.21
N PRO A 103 -9.05 -0.23 11.10
CA PRO A 103 -8.32 -0.06 12.36
C PRO A 103 -8.50 -1.23 13.33
N TRP A 104 -7.39 -1.73 13.90
CA TRP A 104 -7.45 -2.64 15.05
C TRP A 104 -7.46 -1.82 16.34
N PRO A 105 -8.03 -2.37 17.44
CA PRO A 105 -8.22 -1.54 18.63
C PRO A 105 -6.95 -1.33 19.44
N VAL A 106 -6.12 -0.39 18.99
CA VAL A 106 -4.94 0.06 19.74
C VAL A 106 -5.37 1.15 20.71
N LYS A 107 -4.50 1.46 21.68
CA LYS A 107 -4.79 2.44 22.72
C LYS A 107 -4.87 3.86 22.16
N GLY A 108 -5.81 4.65 22.68
CA GLY A 108 -6.03 6.03 22.23
C GLY A 108 -6.72 6.09 20.88
N GLU A 115 -20.55 -4.65 12.48
CA GLU A 115 -19.14 -4.41 12.74
C GLU A 115 -18.59 -5.20 13.95
N ALA A 116 -19.47 -5.77 14.77
CA ALA A 116 -19.06 -6.47 16.01
C ALA A 116 -18.19 -7.69 15.74
N GLU A 117 -18.60 -8.53 14.79
CA GLU A 117 -17.79 -9.68 14.37
C GLU A 117 -16.51 -9.29 13.62
N ILE A 118 -16.60 -8.22 12.84
CA ILE A 118 -15.44 -7.72 12.07
C ILE A 118 -14.40 -7.09 13.00
N ALA A 119 -14.87 -6.30 13.97
CA ALA A 119 -13.98 -5.68 14.97
C ALA A 119 -13.32 -6.69 15.91
N ALA A 120 -14.02 -7.80 16.19
CA ALA A 120 -13.45 -8.90 16.99
C ALA A 120 -12.32 -9.62 16.24
N ALA A 121 -12.47 -9.75 14.92
CA ALA A 121 -11.41 -10.32 14.07
C ALA A 121 -10.19 -9.39 13.98
N CYS A 122 -10.44 -8.08 13.86
CA CYS A 122 -9.36 -7.07 13.89
C CYS A 122 -8.60 -7.07 15.21
N GLU A 123 -9.31 -7.34 16.31
CA GLU A 123 -8.69 -7.50 17.62
C GLU A 123 -7.84 -8.78 17.70
N THR A 124 -8.33 -9.86 17.07
CA THR A 124 -7.58 -11.12 16.97
C THR A 124 -6.25 -10.94 16.22
N PHE A 125 -6.27 -10.19 15.11
CA PHE A 125 -5.06 -9.94 14.33
C PHE A 125 -4.09 -8.95 14.99
N LEU A 126 -4.59 -8.11 15.88
CA LEU A 126 -3.73 -7.32 16.78
C LEU A 126 -3.06 -8.24 17.81
N LYS A 127 -3.80 -9.21 18.33
CA LYS A 127 -3.27 -10.21 19.26
C LYS A 127 -2.19 -11.07 18.60
N LEU A 128 -2.44 -11.46 17.34
CA LEU A 128 -1.43 -12.16 16.53
C LEU A 128 -0.21 -11.26 16.27
N ASN A 129 -0.45 -9.97 16.03
CA ASN A 129 0.62 -8.99 15.85
C ASN A 129 1.53 -8.88 17.08
N ASP A 130 0.91 -8.86 18.27
CA ASP A 130 1.65 -8.83 19.55
C ASP A 130 2.55 -10.04 19.71
N TYR A 131 2.01 -11.23 19.42
CA TYR A 131 2.75 -12.49 19.51
C TYR A 131 3.93 -12.54 18.55
N LEU A 132 3.67 -12.26 17.27
CA LEU A 132 4.71 -12.29 16.23
C LEU A 132 5.81 -11.23 16.43
N GLN A 133 5.43 -10.08 17.00
CA GLN A 133 6.39 -9.05 17.39
C GLN A 133 7.42 -9.57 18.40
N ILE A 134 6.94 -10.29 19.42
CA ILE A 134 7.80 -10.87 20.46
C ILE A 134 8.69 -11.99 19.89
N GLU A 135 8.13 -12.83 19.03
CA GLU A 135 8.90 -13.89 18.34
C GLU A 135 10.00 -13.31 17.45
N THR A 136 9.69 -12.21 16.76
CA THR A 136 10.65 -11.53 15.88
C THR A 136 11.81 -10.94 16.67
N ILE A 137 11.51 -10.23 17.76
CA ILE A 137 12.53 -9.63 18.63
C ILE A 137 13.49 -10.69 19.16
N GLN A 138 12.95 -11.82 19.63
CA GLN A 138 13.76 -12.94 20.11
C GLN A 138 14.66 -13.52 19.01
N ALA A 139 14.11 -13.66 17.80
CA ALA A 139 14.88 -14.14 16.64
C ALA A 139 15.99 -13.18 16.22
N LEU A 140 15.72 -11.88 16.29
CA LEU A 140 16.72 -10.85 15.97
C LEU A 140 17.82 -10.75 17.03
N GLU A 141 17.46 -10.95 18.30
CA GLU A 141 18.43 -11.00 19.39
C GLU A 141 19.38 -12.22 19.27
N GLU A 142 18.81 -13.38 18.95
CA GLU A 142 19.60 -14.59 18.68
C GLU A 142 20.45 -14.47 17.41
N LEU A 143 19.95 -13.74 16.41
CA LEU A 143 20.71 -13.47 15.18
C LEU A 143 21.97 -12.66 15.46
N ALA A 144 21.82 -11.60 16.25
CA ALA A 144 22.95 -10.75 16.66
C ALA A 144 23.94 -11.49 17.57
N ALA A 145 23.43 -12.43 18.39
CA ALA A 145 24.27 -13.29 19.24
C ALA A 145 25.15 -14.23 18.42
N LYS A 146 24.58 -14.83 17.37
CA LYS A 146 25.32 -15.69 16.44
C LYS A 146 26.35 -14.90 15.62
N GLU A 147 26.00 -13.69 15.21
CA GLU A 147 26.92 -12.80 14.48
C GLU A 147 28.06 -12.24 15.33
N LYS A 148 27.92 -12.27 16.66
CA LYS A 148 29.01 -11.90 17.58
C LYS A 148 30.19 -12.87 17.46
N ALA A 149 29.89 -14.17 17.51
CA ALA A 149 30.89 -15.22 17.34
C ALA A 149 31.07 -15.56 15.87
N GLN A 174 21.22 1.44 20.97
CA GLN A 174 21.79 1.52 19.63
C GLN A 174 21.43 0.29 18.81
N ASP A 175 21.77 -0.88 19.35
CA ASP A 175 21.45 -2.17 18.73
C ASP A 175 20.03 -2.60 19.09
N GLU A 176 19.69 -2.50 20.37
CA GLU A 176 18.36 -2.89 20.88
C GLU A 176 17.22 -2.01 20.38
N VAL A 177 17.50 -0.72 20.19
CA VAL A 177 16.50 0.22 19.65
C VAL A 177 16.15 -0.06 18.18
N ASP A 178 17.17 -0.44 17.39
CA ASP A 178 16.96 -0.84 15.99
C ASP A 178 16.13 -2.12 15.86
N ILE A 179 16.39 -3.09 16.75
CA ILE A 179 15.64 -4.35 16.78
C ILE A 179 14.15 -4.11 17.10
N LYS A 180 13.89 -3.23 18.07
CA LYS A 180 12.52 -2.88 18.46
C LYS A 180 11.73 -2.23 17.32
N SER A 181 12.33 -1.24 16.66
CA SER A 181 11.69 -0.53 15.55
C SER A 181 11.52 -1.40 14.29
N ARG A 182 12.46 -2.30 14.05
CA ARG A 182 12.39 -3.25 12.93
C ARG A 182 11.38 -4.38 13.12
N ALA A 183 10.94 -4.61 14.37
CA ALA A 183 9.88 -5.57 14.70
C ALA A 183 8.55 -4.92 15.10
N ALA A 184 8.48 -3.59 15.08
CA ALA A 184 7.27 -2.86 15.51
C ALA A 184 6.24 -2.84 14.40
N TYR A 185 5.55 -3.97 14.22
CA TYR A 185 4.59 -4.14 13.12
C TYR A 185 3.38 -3.22 13.30
N ASN A 186 3.16 -2.34 12.32
CA ASN A 186 2.06 -1.36 12.36
C ASN A 186 0.83 -1.74 11.50
N VAL A 187 1.00 -2.73 10.63
CA VAL A 187 -0.09 -3.23 9.79
C VAL A 187 0.07 -4.73 9.56
N THR A 188 -1.03 -5.36 9.16
CA THR A 188 -0.99 -6.68 8.54
C THR A 188 -1.85 -6.65 7.28
N LEU A 189 -1.32 -7.25 6.22
CA LEU A 189 -2.02 -7.37 4.96
C LEU A 189 -2.42 -8.83 4.85
N LEU A 190 -3.72 -9.10 4.95
CA LEU A 190 -4.25 -10.46 4.86
C LEU A 190 -4.45 -10.84 3.40
N ASN A 191 -4.43 -12.15 3.13
CA ASN A 191 -4.52 -12.68 1.77
C ASN A 191 -5.40 -13.92 1.73
N PHE A 192 -6.09 -14.13 0.62
CA PHE A 192 -6.84 -15.37 0.36
C PHE A 192 -6.83 -15.69 -1.13
N MET A 193 -6.70 -16.97 -1.45
CA MET A 193 -6.82 -17.47 -2.82
C MET A 193 -7.33 -18.91 -2.82
N ASP A 194 -8.36 -19.16 -3.63
CA ASP A 194 -8.78 -20.51 -3.98
C ASP A 194 -8.15 -20.83 -5.34
N PRO A 195 -7.15 -21.73 -5.37
CA PRO A 195 -6.50 -22.05 -6.66
C PRO A 195 -7.40 -22.82 -7.64
N GLN A 196 -8.44 -23.49 -7.15
CA GLN A 196 -9.45 -24.12 -8.00
C GLN A 196 -10.24 -23.11 -8.85
N LYS A 197 -10.41 -21.90 -8.35
CA LYS A 197 -11.12 -20.82 -9.07
C LYS A 197 -10.36 -20.30 -10.30
N MET A 198 -9.03 -20.43 -10.32
CA MET A 198 -8.21 -19.93 -11.42
C MET A 198 -8.12 -20.96 -12.56
N PRO A 199 -8.37 -20.53 -13.82
CA PRO A 199 -8.32 -21.46 -14.95
C PRO A 199 -6.91 -21.92 -15.33
N TYR A 200 -5.89 -21.09 -15.08
CA TYR A 200 -4.51 -21.43 -15.39
C TYR A 200 -3.56 -20.58 -14.55
N LEU A 201 -2.67 -21.22 -13.81
CA LEU A 201 -1.64 -20.53 -13.03
C LEU A 201 -0.32 -20.59 -13.77
N LYS A 202 0.46 -19.51 -13.65
CA LYS A 202 1.74 -19.41 -14.34
C LYS A 202 2.77 -20.36 -13.71
N GLU A 203 3.56 -21.01 -14.56
CA GLU A 203 4.69 -21.83 -14.10
C GLU A 203 5.79 -20.92 -13.56
N GLU A 204 6.41 -21.33 -12.47
CA GLU A 204 7.58 -20.64 -11.94
C GLU A 204 8.71 -20.82 -12.97
N PRO A 205 9.22 -19.71 -13.54
CA PRO A 205 10.04 -19.82 -14.77
C PRO A 205 11.51 -20.26 -14.62
N TYR A 206 12.12 -20.06 -13.45
CA TYR A 206 13.58 -20.23 -13.29
C TYR A 206 14.08 -21.55 -12.69
N PHE A 207 13.30 -22.13 -11.77
CA PHE A 207 13.76 -23.27 -10.95
C PHE A 207 12.88 -24.52 -11.02
N GLY A 208 11.82 -24.50 -11.83
CA GLY A 208 10.89 -25.62 -11.93
C GLY A 208 10.05 -25.85 -10.68
N MET A 209 9.69 -24.77 -9.99
CA MET A 209 8.94 -24.86 -8.73
C MET A 209 7.43 -25.13 -8.91
N GLY A 210 6.95 -25.10 -10.15
CA GLY A 210 5.55 -25.42 -10.44
C GLY A 210 4.70 -24.17 -10.42
N LYS A 211 3.44 -24.34 -10.03
CA LYS A 211 2.44 -23.27 -10.12
C LYS A 211 2.65 -22.18 -9.08
N MET A 212 2.66 -20.92 -9.53
CA MET A 212 2.77 -19.76 -8.65
C MET A 212 1.40 -19.16 -8.37
N ALA A 213 1.09 -18.98 -7.09
CA ALA A 213 -0.06 -18.17 -6.66
C ALA A 213 0.30 -16.69 -6.78
N VAL A 214 1.49 -16.34 -6.29
CA VAL A 214 2.05 -14.98 -6.38
C VAL A 214 3.46 -15.07 -6.96
N SER A 215 3.75 -14.22 -7.95
CA SER A 215 5.05 -14.23 -8.65
C SER A 215 6.18 -13.65 -7.79
N TRP A 216 7.41 -13.79 -8.30
CA TRP A 216 8.62 -13.29 -7.62
C TRP A 216 8.57 -11.79 -7.38
N HIS A 217 8.86 -11.36 -6.15
CA HIS A 217 8.88 -9.94 -5.79
C HIS A 217 9.53 -9.67 -4.42
N HIS A 218 9.75 -8.39 -4.16
CA HIS A 218 10.08 -7.86 -2.82
C HIS A 218 8.85 -7.17 -2.25
N ASP A 219 8.76 -7.12 -0.93
CA ASP A 219 7.80 -6.25 -0.25
C ASP A 219 8.40 -4.86 -0.11
N GLU A 220 7.84 -3.90 -0.83
CA GLU A 220 8.32 -2.52 -0.87
C GLU A 220 7.57 -1.65 0.14
N ASN A 221 8.00 -0.40 0.29
CA ASN A 221 7.42 0.57 1.25
C ASN A 221 7.49 0.09 2.71
N LEU A 222 8.55 -0.65 3.05
CA LEU A 222 8.81 -1.07 4.43
C LEU A 222 10.02 -0.33 4.95
N VAL A 223 10.08 -0.18 6.28
CA VAL A 223 11.20 0.48 6.94
C VAL A 223 12.49 -0.31 6.62
N ASP A 224 13.58 0.42 6.45
CA ASP A 224 14.89 -0.16 6.12
C ASP A 224 15.23 -1.31 7.09
N ARG A 225 15.55 -2.47 6.52
CA ARG A 225 15.92 -3.68 7.27
C ARG A 225 14.85 -4.18 8.26
N SER A 226 13.58 -3.80 8.05
CA SER A 226 12.50 -4.21 8.94
C SER A 226 12.10 -5.64 8.61
N ALA A 227 11.69 -6.37 9.64
CA ALA A 227 11.30 -7.76 9.50
C ALA A 227 9.90 -7.88 8.92
N VAL A 228 9.59 -9.05 8.39
CA VAL A 228 8.25 -9.40 7.92
C VAL A 228 7.89 -10.77 8.49
N ALA A 229 6.73 -10.86 9.15
CA ALA A 229 6.25 -12.10 9.77
C ALA A 229 4.94 -12.54 9.12
N VAL A 230 4.85 -13.82 8.79
CA VAL A 230 3.70 -14.36 8.05
C VAL A 230 3.10 -15.57 8.77
N TYR A 231 1.80 -15.50 9.06
CA TYR A 231 1.04 -16.66 9.55
C TYR A 231 0.35 -17.28 8.34
N SER A 232 0.67 -18.53 8.02
CA SER A 232 0.09 -19.22 6.87
C SER A 232 -0.97 -20.23 7.31
N TYR A 233 -2.15 -20.15 6.68
CA TYR A 233 -3.30 -20.98 7.04
C TYR A 233 -3.85 -21.68 5.79
N SER A 234 -3.31 -22.85 5.50
CA SER A 234 -3.86 -23.75 4.47
C SER A 234 -5.10 -24.41 5.06
N CYS A 235 -6.18 -24.45 4.28
CA CYS A 235 -7.47 -25.00 4.75
C CYS A 235 -7.46 -26.53 4.85
N GLU A 236 -6.72 -27.20 3.97
CA GLU A 236 -6.54 -28.65 4.05
C GLU A 236 -5.28 -29.11 3.30
N LEU A 248 7.34 -37.57 -7.05
CA LEU A 248 8.21 -37.18 -5.96
C LEU A 248 9.56 -36.61 -6.44
N GLU A 249 9.52 -35.87 -7.56
CA GLU A 249 10.72 -35.29 -8.15
C GLU A 249 11.07 -33.97 -7.48
N GLY A 250 10.17 -32.99 -7.62
CA GLY A 250 10.35 -31.65 -7.06
C GLY A 250 9.47 -31.43 -5.84
N ARG A 251 8.95 -30.20 -5.71
CA ARG A 251 8.10 -29.84 -4.58
C ARG A 251 6.71 -30.43 -4.77
N ASP A 252 6.03 -30.70 -3.66
CA ASP A 252 4.70 -31.32 -3.67
C ASP A 252 3.67 -30.33 -4.22
N PRO A 253 3.03 -30.65 -5.36
CA PRO A 253 2.10 -29.70 -5.99
C PRO A 253 0.82 -29.41 -5.19
N ASP A 254 0.43 -30.29 -4.28
CA ASP A 254 -0.78 -30.12 -3.47
C ASP A 254 -0.59 -29.27 -2.20
N ILE A 255 0.66 -29.04 -1.79
CA ILE A 255 0.98 -28.27 -0.57
C ILE A 255 1.49 -26.87 -0.95
N TRP A 256 1.07 -25.86 -0.18
CA TRP A 256 1.53 -24.48 -0.36
C TRP A 256 2.98 -24.32 0.10
N HIS A 257 3.74 -23.53 -0.66
CA HIS A 257 5.13 -23.22 -0.31
C HIS A 257 5.38 -21.71 -0.42
N VAL A 258 6.37 -21.24 0.31
CA VAL A 258 7.00 -19.94 0.03
C VAL A 258 8.35 -20.24 -0.63
N GLY A 259 8.59 -19.58 -1.77
CA GLY A 259 9.83 -19.76 -2.54
C GLY A 259 10.77 -18.58 -2.33
N PHE A 260 12.07 -18.84 -2.35
CA PHE A 260 13.08 -17.79 -2.19
C PHE A 260 14.19 -17.93 -3.23
N LYS A 261 14.67 -16.78 -3.71
CA LYS A 261 15.85 -16.70 -4.58
C LYS A 261 16.63 -15.44 -4.22
N ILE A 262 17.92 -15.43 -4.55
CA ILE A 262 18.73 -14.22 -4.40
C ILE A 262 18.39 -13.32 -5.59
N SER A 263 18.33 -12.01 -5.35
CA SER A 263 18.07 -11.03 -6.42
C SER A 263 19.10 -11.16 -7.54
N TRP A 264 18.66 -10.96 -8.78
CA TRP A 264 19.51 -11.02 -9.99
C TRP A 264 20.04 -12.41 -10.36
N ASP A 265 19.70 -13.43 -9.58
CA ASP A 265 20.40 -14.71 -9.60
C ASP A 265 19.41 -15.86 -9.84
N ILE A 266 19.57 -16.51 -10.99
CA ILE A 266 18.88 -17.77 -11.29
C ILE A 266 19.84 -18.97 -11.40
N GLU A 267 21.12 -18.75 -11.11
CA GLU A 267 22.14 -19.81 -11.12
C GLU A 267 22.08 -20.59 -9.81
N THR A 268 22.14 -19.88 -8.69
CA THR A 268 22.01 -20.47 -7.36
C THR A 268 20.60 -21.03 -7.22
N PRO A 269 20.46 -22.30 -6.80
CA PRO A 269 19.14 -22.90 -6.71
C PRO A 269 18.29 -22.30 -5.59
N GLY A 270 17.01 -22.08 -5.86
CA GLY A 270 16.09 -21.49 -4.89
C GLY A 270 15.66 -22.48 -3.84
N LEU A 271 15.15 -21.96 -2.72
CA LEU A 271 14.53 -22.79 -1.68
C LEU A 271 13.02 -22.68 -1.79
N ALA A 272 12.34 -23.83 -1.66
CA ALA A 272 10.89 -23.89 -1.56
C ALA A 272 10.55 -24.49 -0.20
N ILE A 273 9.96 -23.68 0.67
CA ILE A 273 9.66 -24.07 2.05
C ILE A 273 8.19 -24.49 2.13
N PRO A 274 7.90 -25.77 2.44
CA PRO A 274 6.50 -26.17 2.63
C PRO A 274 5.82 -25.43 3.80
N LEU A 275 4.55 -25.07 3.61
CA LEU A 275 3.77 -24.37 4.62
C LEU A 275 2.49 -25.17 4.92
N HIS A 276 2.50 -25.87 6.05
CA HIS A 276 1.32 -26.59 6.52
C HIS A 276 0.45 -25.65 7.36
N GLN A 277 -0.72 -26.13 7.75
CA GLN A 277 -1.70 -25.33 8.50
C GLN A 277 -1.12 -24.75 9.79
N GLY A 278 -1.03 -23.42 9.87
CA GLY A 278 -0.58 -22.72 11.07
C GLY A 278 0.91 -22.46 11.20
N ASP A 279 1.70 -22.81 10.18
CA ASP A 279 3.14 -22.50 10.18
C ASP A 279 3.37 -21.01 10.00
N CYS A 280 4.38 -20.49 10.70
CA CYS A 280 4.81 -19.10 10.56
C CYS A 280 6.23 -19.02 10.03
N TYR A 281 6.49 -18.05 9.15
CA TYR A 281 7.85 -17.77 8.69
C TYR A 281 8.18 -16.27 8.78
N PHE A 282 9.46 -15.98 8.98
CA PHE A 282 9.94 -14.63 9.25
C PHE A 282 11.09 -14.29 8.31
N MET A 283 10.99 -13.14 7.64
CA MET A 283 12.10 -12.58 6.87
C MET A 283 12.77 -11.51 7.74
N LEU A 284 14.00 -11.79 8.21
CA LEU A 284 14.71 -10.92 9.14
C LEU A 284 15.70 -10.00 8.42
N ASP A 285 15.87 -8.80 8.95
CA ASP A 285 16.94 -7.88 8.55
C ASP A 285 16.87 -7.55 7.04
N ASP A 286 17.92 -7.84 6.27
CA ASP A 286 17.99 -7.43 4.86
C ASP A 286 17.52 -8.51 3.89
N LEU A 287 16.91 -9.60 4.40
CA LEU A 287 16.48 -10.72 3.56
C LEU A 287 15.46 -10.29 2.52
N ASN A 288 14.43 -9.55 2.95
CA ASN A 288 13.39 -9.02 2.04
C ASN A 288 13.97 -8.17 0.90
N ALA A 289 15.01 -7.39 1.20
CA ALA A 289 15.68 -6.53 0.19
C ALA A 289 16.62 -7.32 -0.74
N THR A 290 17.39 -8.24 -0.18
CA THR A 290 18.41 -9.00 -0.93
C THR A 290 17.86 -10.25 -1.65
N HIS A 291 16.69 -10.73 -1.22
CA HIS A 291 16.06 -11.90 -1.84
C HIS A 291 14.65 -11.59 -2.30
N GLN A 292 14.27 -12.16 -3.44
CA GLN A 292 12.88 -12.14 -3.90
C GLN A 292 12.18 -13.35 -3.33
N HIS A 293 10.86 -13.24 -3.13
CA HIS A 293 10.04 -14.40 -2.76
C HIS A 293 8.79 -14.51 -3.63
N CYS A 294 8.30 -15.74 -3.73
CA CYS A 294 7.05 -16.04 -4.42
C CYS A 294 6.22 -16.96 -3.52
N VAL A 295 4.95 -17.11 -3.88
CA VAL A 295 4.06 -18.06 -3.20
C VAL A 295 3.63 -19.10 -4.22
N LEU A 296 3.93 -20.36 -3.92
CA LEU A 296 3.61 -21.48 -4.80
C LEU A 296 2.30 -22.11 -4.34
N ALA A 297 1.38 -22.31 -5.28
CA ALA A 297 0.04 -22.79 -4.96
C ALA A 297 0.01 -24.28 -4.66
N GLY A 298 -0.81 -24.65 -3.66
CA GLY A 298 -1.20 -26.02 -3.39
C GLY A 298 -2.56 -26.27 -4.02
N SER A 299 -3.21 -27.35 -3.61
CA SER A 299 -4.50 -27.77 -4.17
C SER A 299 -5.68 -27.07 -3.51
N GLN A 300 -5.59 -26.84 -2.19
CA GLN A 300 -6.70 -26.31 -1.40
C GLN A 300 -6.63 -24.78 -1.26
N PRO A 301 -7.72 -24.15 -0.77
CA PRO A 301 -7.66 -22.71 -0.44
C PRO A 301 -6.73 -22.42 0.74
N ARG A 302 -6.18 -21.21 0.78
CA ARG A 302 -5.20 -20.82 1.79
C ARG A 302 -5.26 -19.32 2.10
N PHE A 303 -5.23 -19.01 3.41
CA PHE A 303 -5.12 -17.64 3.89
C PHE A 303 -3.69 -17.36 4.34
N SER A 304 -3.36 -16.08 4.44
CA SER A 304 -2.15 -15.64 5.15
C SER A 304 -2.31 -14.25 5.73
N SER A 305 -1.58 -14.00 6.83
CA SER A 305 -1.51 -12.69 7.48
C SER A 305 -0.06 -12.26 7.45
N THR A 306 0.25 -11.21 6.70
CA THR A 306 1.63 -10.74 6.52
C THR A 306 1.86 -9.42 7.26
N HIS A 307 2.51 -9.53 8.42
CA HIS A 307 2.72 -8.41 9.34
C HIS A 307 3.99 -7.65 8.96
N ARG A 308 3.86 -6.33 8.82
CA ARG A 308 4.92 -5.47 8.27
C ARG A 308 5.11 -4.19 9.09
N VAL A 309 6.31 -3.62 9.00
CA VAL A 309 6.57 -2.26 9.48
C VAL A 309 6.52 -1.34 8.28
N ALA A 310 5.32 -0.88 7.95
CA ALA A 310 5.11 0.02 6.82
C ALA A 310 5.83 1.35 7.01
N GLU A 311 6.51 1.79 5.95
CA GLU A 311 7.22 3.07 5.94
C GLU A 311 6.18 4.17 5.68
N CYS A 312 5.63 4.71 6.77
CA CYS A 312 4.50 5.64 6.70
C CYS A 312 4.88 7.08 7.12
N SER A 313 6.09 7.53 6.76
CA SER A 313 6.52 8.91 7.05
C SER A 313 5.74 9.95 6.23
N THR A 314 5.23 9.56 5.06
CA THR A 314 4.32 10.39 4.27
C THR A 314 3.03 9.62 3.96
N GLY A 315 2.61 8.77 4.89
CA GLY A 315 1.50 7.84 4.67
C GLY A 315 0.55 7.65 5.84
N THR A 316 0.44 8.64 6.72
CA THR A 316 -0.57 8.64 7.79
C THR A 316 -1.54 9.81 7.64
N LEU A 317 -2.73 9.66 8.21
CA LEU A 317 -3.75 10.73 8.20
C LEU A 317 -3.23 12.00 8.88
N ASP A 318 -2.58 11.82 10.04
CA ASP A 318 -1.98 12.95 10.77
C ASP A 318 -0.96 13.71 9.93
N TYR A 319 -0.15 12.98 9.16
CA TYR A 319 0.84 13.60 8.27
C TYR A 319 0.21 14.49 7.21
N ILE A 320 -0.76 13.95 6.48
CA ILE A 320 -1.39 14.68 5.35
C ILE A 320 -2.25 15.86 5.82
N LEU A 321 -2.95 15.70 6.94
CA LEU A 321 -3.67 16.82 7.57
C LEU A 321 -2.73 17.97 7.96
N GLN A 322 -1.57 17.63 8.51
CA GLN A 322 -0.54 18.63 8.83
C GLN A 322 0.00 19.32 7.56
N ARG A 323 0.17 18.57 6.48
CA ARG A 323 0.53 19.14 5.17
C ARG A 323 -0.54 20.13 4.69
N CYS A 324 -1.81 19.73 4.77
CA CYS A 324 -2.91 20.59 4.34
C CYS A 324 -2.96 21.91 5.13
N GLN A 325 -2.78 21.85 6.44
CA GLN A 325 -2.71 23.05 7.29
C GLN A 325 -1.52 23.95 6.95
N LEU A 326 -0.40 23.36 6.54
CA LEU A 326 0.76 24.12 6.06
C LEU A 326 0.44 24.92 4.80
N ALA A 327 -0.25 24.29 3.85
CA ALA A 327 -0.70 24.96 2.62
C ALA A 327 -1.66 26.11 2.92
N LEU A 328 -2.60 25.88 3.82
CA LEU A 328 -3.62 26.88 4.17
C LEU A 328 -3.12 28.02 5.09
N GLN A 329 -1.87 27.97 5.56
CA GLN A 329 -1.23 29.13 6.22
C GLN A 329 -1.10 30.36 5.32
N ASN A 330 -1.06 30.16 4.00
CA ASN A 330 -1.03 31.26 3.03
C ASN A 330 -2.41 31.85 2.71
N VAL A 331 -3.49 31.31 3.29
CA VAL A 331 -4.86 31.77 3.03
C VAL A 331 -5.41 32.55 4.24
N CYS A 332 -6.06 33.69 3.98
CA CYS A 332 -6.76 34.44 5.02
C CYS A 332 -7.94 33.60 5.51
N ASP A 333 -7.92 33.25 6.79
CA ASP A 333 -8.79 32.18 7.34
C ASP A 333 -9.86 32.68 8.33
N ASP A 334 -10.39 33.87 8.06
CA ASP A 334 -11.51 34.40 8.86
C ASP A 334 -12.78 33.57 8.69
N VAL A 335 -13.11 33.24 7.44
CA VAL A 335 -14.36 32.55 7.11
C VAL A 335 -14.16 31.58 5.94
N ASP A 336 -14.87 30.46 5.98
CA ASP A 336 -14.87 29.48 4.88
C ASP A 336 -15.92 29.90 3.85
N ASN A 337 -15.46 30.57 2.79
CA ASN A 337 -16.31 30.92 1.65
C ASN A 337 -15.50 30.91 0.33
N ASP A 338 -16.16 31.24 -0.78
CA ASP A 338 -15.51 31.22 -2.10
C ASP A 338 -14.51 32.37 -2.35
N ASP A 339 -14.54 33.41 -1.51
CA ASP A 339 -13.61 34.54 -1.64
C ASP A 339 -12.24 34.22 -1.02
N VAL A 340 -11.46 33.38 -1.71
CA VAL A 340 -10.12 32.98 -1.23
C VAL A 340 -9.10 34.05 -1.61
N SER A 341 -8.48 34.67 -0.61
CA SER A 341 -7.40 35.64 -0.81
C SER A 341 -6.13 35.15 -0.13
N LEU A 342 -4.99 35.36 -0.78
CA LEU A 342 -3.71 34.82 -0.33
C LEU A 342 -2.83 35.89 0.33
N LYS A 343 -2.07 35.47 1.33
CA LYS A 343 -1.20 36.37 2.10
C LYS A 343 0.07 36.75 1.35
N SER A 344 0.64 35.81 0.61
CA SER A 344 1.89 36.01 -0.13
C SER A 344 1.86 35.34 -1.50
N PHE A 345 2.57 35.95 -2.45
CA PHE A 345 2.82 35.35 -3.76
C PHE A 345 4.30 35.08 -3.98
N GLU A 346 5.03 34.84 -2.89
CA GLU A 346 6.44 34.45 -2.94
C GLU A 346 6.51 33.08 -3.63
N PRO A 347 7.36 32.95 -4.68
CA PRO A 347 7.46 31.72 -5.48
C PRO A 347 7.53 30.42 -4.66
N ALA A 348 8.39 30.39 -3.65
CA ALA A 348 8.57 29.19 -2.80
C ALA A 348 7.31 28.79 -2.04
N VAL A 349 6.55 29.78 -1.57
CA VAL A 349 5.30 29.52 -0.84
C VAL A 349 4.21 29.01 -1.79
N LEU A 350 4.13 29.61 -2.98
CA LEU A 350 3.17 29.17 -4.01
C LEU A 350 3.50 27.78 -4.56
N LYS A 351 4.78 27.51 -4.78
CA LYS A 351 5.27 26.19 -5.21
C LYS A 351 4.84 25.10 -4.23
N GLN A 352 5.15 25.33 -2.95
CA GLN A 352 4.77 24.42 -1.86
C GLN A 352 3.26 24.15 -1.82
N GLY A 353 2.47 25.22 -1.89
CA GLY A 353 1.01 25.12 -1.89
C GLY A 353 0.46 24.22 -2.98
N GLU A 354 0.95 24.40 -4.21
CA GLU A 354 0.52 23.59 -5.35
C GLU A 354 1.04 22.14 -5.30
N GLU A 355 2.19 21.92 -4.65
CA GLU A 355 2.69 20.56 -4.41
C GLU A 355 1.83 19.79 -3.40
N ILE A 356 1.42 20.45 -2.32
CA ILE A 356 0.53 19.85 -1.30
C ILE A 356 -0.85 19.54 -1.90
N HIS A 357 -1.38 20.49 -2.67
CA HIS A 357 -2.59 20.32 -3.49
C HIS A 357 -2.54 19.00 -4.29
N ASN A 358 -1.43 18.78 -4.99
CA ASN A 358 -1.24 17.53 -5.76
C ASN A 358 -1.19 16.31 -4.84
N GLU A 359 -0.47 16.42 -3.74
CA GLU A 359 -0.31 15.29 -2.80
C GLU A 359 -1.65 14.82 -2.23
N VAL A 360 -2.43 15.76 -1.68
CA VAL A 360 -3.76 15.40 -1.14
C VAL A 360 -4.73 14.89 -2.21
N GLU A 361 -4.63 15.42 -3.43
CA GLU A 361 -5.51 14.98 -4.52
C GLU A 361 -5.19 13.56 -4.97
N PHE A 362 -3.93 13.33 -5.34
CA PHE A 362 -3.54 12.08 -6.03
C PHE A 362 -3.16 10.93 -5.09
N GLU A 363 -2.41 11.23 -4.02
CA GLU A 363 -1.99 10.20 -3.06
C GLU A 363 -3.06 9.79 -2.05
N TRP A 364 -4.10 10.61 -1.87
CA TRP A 364 -5.11 10.35 -0.83
C TRP A 364 -6.52 10.24 -1.39
N LEU A 365 -7.04 11.33 -1.98
CA LEU A 365 -8.43 11.34 -2.47
C LEU A 365 -8.68 10.36 -3.61
N ARG A 366 -7.92 10.49 -4.69
CA ARG A 366 -8.11 9.63 -5.87
C ARG A 366 -7.74 8.18 -5.62
N GLN A 367 -6.70 7.94 -4.81
CA GLN A 367 -6.38 6.59 -4.32
C GLN A 367 -7.53 5.95 -3.56
N PHE A 368 -8.14 6.72 -2.64
CA PHE A 368 -9.24 6.21 -1.81
C PHE A 368 -10.48 5.88 -2.63
N TRP A 369 -10.93 6.84 -3.44
CA TRP A 369 -12.17 6.67 -4.23
C TRP A 369 -12.01 5.77 -5.46
N PHE A 370 -10.76 5.48 -5.87
CA PHE A 370 -10.50 4.44 -6.87
C PHE A 370 -10.94 3.05 -6.40
N GLN A 371 -10.86 2.80 -5.09
CA GLN A 371 -11.30 1.55 -4.50
C GLN A 371 -12.83 1.47 -4.34
N GLY A 372 -13.49 2.64 -4.27
CA GLY A 372 -14.94 2.73 -4.44
C GLY A 372 -15.75 2.53 -3.17
N ASN A 373 -15.34 3.19 -2.09
CA ASN A 373 -15.97 3.07 -0.77
C ASN A 373 -16.05 1.60 -0.34
N ARG A 374 -14.92 0.91 -0.49
CA ARG A 374 -14.84 -0.54 -0.34
C ARG A 374 -14.70 -0.92 1.12
N TYR A 375 -13.87 -0.16 1.84
CA TYR A 375 -13.73 -0.30 3.30
C TYR A 375 -15.01 0.01 4.07
N ARG A 376 -15.91 0.82 3.48
CA ARG A 376 -17.24 1.14 4.05
C ARG A 376 -18.01 -0.07 4.62
N LYS A 377 -17.85 -1.22 3.98
CA LYS A 377 -18.40 -2.49 4.48
C LYS A 377 -17.81 -2.86 5.85
N CYS A 378 -16.48 -2.81 5.95
CA CYS A 378 -15.76 -3.20 7.17
C CYS A 378 -15.74 -2.11 8.25
N THR A 379 -15.57 -0.86 7.83
CA THR A 379 -15.45 0.27 8.77
C THR A 379 -15.85 1.60 8.13
N ASP A 380 -16.22 2.56 8.97
CA ASP A 380 -16.50 3.94 8.53
C ASP A 380 -15.45 4.93 9.06
N TRP A 381 -14.27 4.41 9.43
CA TRP A 381 -13.20 5.22 10.04
C TRP A 381 -12.67 6.32 9.12
N TRP A 382 -12.60 6.02 7.82
CA TRP A 382 -12.07 6.96 6.82
C TRP A 382 -13.11 7.91 6.18
N CYS A 383 -14.40 7.74 6.51
CA CYS A 383 -15.47 8.55 5.91
CA CYS A 383 -15.47 8.54 5.92
C CYS A 383 -15.31 10.04 6.20
N GLN A 384 -15.20 10.39 7.49
CA GLN A 384 -15.04 11.78 7.90
C GLN A 384 -13.67 12.38 7.52
N PRO A 385 -12.57 11.64 7.77
CA PRO A 385 -11.27 12.10 7.28
C PRO A 385 -11.22 12.44 5.78
N MET A 386 -11.78 11.56 4.95
CA MET A 386 -11.84 11.79 3.50
C MET A 386 -12.77 12.93 3.11
N ALA A 387 -13.86 13.12 3.86
CA ALA A 387 -14.72 14.29 3.69
C ALA A 387 -13.95 15.58 4.03
N GLN A 388 -13.18 15.53 5.11
CA GLN A 388 -12.35 16.67 5.54
C GLN A 388 -11.20 16.98 4.56
N LEU A 389 -10.54 15.94 4.05
CA LEU A 389 -9.48 16.10 3.06
C LEU A 389 -10.00 16.67 1.72
N GLU A 390 -11.20 16.27 1.31
CA GLU A 390 -11.82 16.81 0.10
C GLU A 390 -12.18 18.29 0.25
N ALA A 391 -12.71 18.66 1.42
CA ALA A 391 -13.01 20.06 1.73
C ALA A 391 -11.74 20.91 1.80
N LEU A 392 -10.67 20.35 2.36
CA LEU A 392 -9.36 21.00 2.36
C LEU A 392 -8.82 21.14 0.93
N TRP A 393 -8.94 20.09 0.13
CA TRP A 393 -8.58 20.13 -1.30
C TRP A 393 -9.42 21.17 -2.08
N LYS A 394 -10.71 21.27 -1.77
CA LYS A 394 -11.59 22.26 -2.41
C LYS A 394 -11.13 23.70 -2.15
N LYS A 395 -10.67 23.97 -0.93
CA LYS A 395 -10.08 25.27 -0.59
C LYS A 395 -8.82 25.54 -1.40
N MET A 396 -8.00 24.52 -1.61
CA MET A 396 -6.78 24.63 -2.43
C MET A 396 -7.06 24.83 -3.93
N GLU A 397 -8.20 24.36 -4.42
CA GLU A 397 -8.67 24.73 -5.77
C GLU A 397 -8.95 26.24 -5.85
N GLY A 398 -9.50 26.79 -4.77
CA GLY A 398 -9.64 28.25 -4.61
C GLY A 398 -8.31 29.00 -4.57
N VAL A 399 -7.30 28.39 -3.94
CA VAL A 399 -5.94 28.95 -3.91
C VAL A 399 -5.34 29.01 -5.31
N THR A 400 -5.43 27.91 -6.07
CA THR A 400 -4.93 27.88 -7.45
C THR A 400 -5.61 28.97 -8.30
N ASN A 401 -6.92 29.07 -8.19
CA ASN A 401 -7.69 30.13 -8.87
C ASN A 401 -7.20 31.53 -8.49
N ALA A 402 -6.93 31.75 -7.20
CA ALA A 402 -6.41 33.02 -6.70
C ALA A 402 -5.03 33.37 -7.28
N VAL A 403 -4.18 32.37 -7.45
CA VAL A 403 -2.85 32.55 -8.05
C VAL A 403 -2.99 32.89 -9.54
N LEU A 404 -3.86 32.16 -10.25
CA LEU A 404 -4.13 32.44 -11.67
C LEU A 404 -4.79 33.81 -11.90
N HIS A 405 -5.55 34.29 -10.92
CA HIS A 405 -6.11 35.64 -10.97
C HIS A 405 -5.03 36.70 -10.80
N GLU A 406 -4.08 36.44 -9.90
CA GLU A 406 -2.95 37.34 -9.65
C GLU A 406 -2.01 37.51 -10.87
N VAL A 407 -1.71 36.41 -11.57
CA VAL A 407 -0.81 36.49 -12.74
C VAL A 407 -1.40 37.30 -13.91
N LYS A 408 -2.72 37.35 -14.01
CA LYS A 408 -3.43 38.14 -15.02
C LYS A 408 -3.69 39.62 -14.63
N ARG A 409 -3.26 40.05 -13.44
CA ARG A 409 -3.55 41.42 -12.97
C ARG A 409 -2.72 42.44 -13.76
N GLU A 410 -3.30 43.60 -14.03
CA GLU A 410 -2.70 44.63 -14.89
C GLU A 410 -1.43 45.26 -14.29
N GLY A 411 -1.49 45.57 -12.99
CA GLY A 411 -0.38 46.21 -12.29
C GLY A 411 0.85 45.34 -12.01
N LEU A 412 0.72 44.02 -12.12
CA LEU A 412 1.81 43.10 -11.83
C LEU A 412 2.93 43.21 -12.88
N PRO A 413 4.16 43.57 -12.46
CA PRO A 413 5.26 43.62 -13.43
C PRO A 413 5.65 42.22 -13.91
N VAL A 414 6.03 42.12 -15.19
CA VAL A 414 6.22 40.83 -15.87
C VAL A 414 7.28 39.92 -15.22
N GLU A 415 8.32 40.51 -14.63
CA GLU A 415 9.37 39.75 -13.94
C GLU A 415 8.84 39.00 -12.71
N GLN A 416 7.94 39.63 -11.96
CA GLN A 416 7.26 38.99 -10.83
C GLN A 416 6.28 37.92 -11.29
N ARG A 417 5.58 38.18 -12.39
CA ARG A 417 4.65 37.22 -13.00
C ARG A 417 5.37 35.95 -13.42
N ASN A 418 6.48 36.10 -14.15
CA ASN A 418 7.25 34.95 -14.65
C ASN A 418 7.90 34.10 -13.54
N GLU A 419 8.25 34.74 -12.42
CA GLU A 419 8.66 34.02 -11.22
C GLU A 419 7.56 33.10 -10.68
N ILE A 420 6.33 33.63 -10.64
CA ILE A 420 5.18 32.86 -10.16
C ILE A 420 4.87 31.71 -11.11
N LEU A 421 4.90 31.97 -12.41
CA LEU A 421 4.67 30.94 -13.43
C LEU A 421 5.69 29.81 -13.34
N THR A 422 6.97 30.14 -13.17
CA THR A 422 8.04 29.15 -12.98
C THR A 422 7.84 28.31 -11.71
N ALA A 423 7.34 28.92 -10.66
CA ALA A 423 7.07 28.24 -9.38
C ALA A 423 5.92 27.23 -9.42
N ILE A 424 4.89 27.49 -10.25
CA ILE A 424 3.68 26.66 -10.28
C ILE A 424 3.53 25.72 -11.48
N LEU A 425 4.29 25.95 -12.56
CA LEU A 425 4.05 25.25 -13.84
C LEU A 425 4.28 23.74 -13.79
N ALA A 426 5.33 23.30 -13.08
CA ALA A 426 5.61 21.88 -12.90
C ALA A 426 4.49 21.17 -12.13
N SER A 427 3.95 21.83 -11.11
CA SER A 427 2.83 21.28 -10.33
C SER A 427 1.54 21.16 -11.14
N LEU A 428 1.21 22.20 -11.90
CA LEU A 428 0.01 22.18 -12.76
C LEU A 428 0.13 21.21 -13.93
N THR A 429 1.35 21.08 -14.49
CA THR A 429 1.64 20.09 -15.54
C THR A 429 1.41 18.67 -15.04
N ALA A 430 1.98 18.36 -13.87
CA ALA A 430 1.78 17.05 -13.24
C ALA A 430 0.32 16.80 -12.85
N ARG A 431 -0.36 17.87 -12.42
CA ARG A 431 -1.79 17.80 -12.08
C ARG A 431 -2.64 17.41 -13.28
N GLN A 432 -2.35 18.00 -14.43
CA GLN A 432 -3.05 17.65 -15.68
C GLN A 432 -2.79 16.19 -16.09
N ASN A 433 -1.51 15.79 -16.08
CA ASN A 433 -1.10 14.44 -16.51
C ASN A 433 -1.66 13.34 -15.61
N LEU A 434 -1.62 13.56 -14.30
CA LEU A 434 -2.12 12.59 -13.32
C LEU A 434 -3.65 12.49 -13.33
N ARG A 435 -4.34 13.61 -13.58
CA ARG A 435 -5.80 13.60 -13.76
C ARG A 435 -6.23 12.74 -14.96
N ARG A 436 -5.54 12.89 -16.08
CA ARG A 436 -5.80 12.08 -17.27
C ARG A 436 -5.51 10.59 -17.03
N GLU A 437 -4.43 10.30 -16.32
CA GLU A 437 -4.07 8.93 -15.92
C GLU A 437 -5.12 8.31 -15.01
N TRP A 438 -5.49 9.04 -13.95
CA TRP A 438 -6.49 8.55 -12.98
C TRP A 438 -7.90 8.36 -13.57
N HIS A 439 -8.29 9.25 -14.49
CA HIS A 439 -9.57 9.15 -15.18
C HIS A 439 -9.64 7.91 -16.07
N ALA A 440 -8.59 7.70 -16.87
CA ALA A 440 -8.47 6.51 -17.72
C ALA A 440 -8.36 5.21 -16.90
N ARG A 441 -7.69 5.27 -15.75
CA ARG A 441 -7.57 4.10 -14.86
C ARG A 441 -8.93 3.70 -14.27
N CYS A 442 -9.77 4.67 -13.95
CA CYS A 442 -11.13 4.42 -13.47
C CYS A 442 -12.06 3.82 -14.55
N GLN A 443 -11.85 4.21 -15.81
CA GLN A 443 -12.70 3.77 -16.93
C GLN A 443 -12.08 2.66 -17.81
N SER A 444 -11.12 1.90 -17.27
CA SER A 444 -10.50 0.80 -18.02
C SER A 444 -11.45 -0.38 -18.15
N ARG A 445 -11.18 -1.25 -19.13
CA ARG A 445 -12.00 -2.44 -19.39
C ARG A 445 -12.14 -3.32 -18.15
N ILE A 446 -11.01 -3.64 -17.53
CA ILE A 446 -10.99 -4.48 -16.32
C ILE A 446 -11.67 -3.80 -15.13
N ALA A 447 -11.56 -2.47 -15.02
CA ALA A 447 -12.24 -1.72 -13.96
C ALA A 447 -13.77 -1.75 -14.10
N ARG A 448 -14.26 -1.69 -15.34
CA ARG A 448 -15.70 -1.71 -15.61
C ARG A 448 -16.38 -3.06 -15.29
N THR A 449 -15.62 -4.15 -15.38
CA THR A 449 -16.14 -5.50 -15.08
C THR A 449 -16.38 -5.78 -13.59
N LEU A 450 -15.83 -4.96 -12.69
CA LEU A 450 -16.03 -5.13 -11.25
C LEU A 450 -17.48 -4.86 -10.83
N PRO A 451 -17.91 -5.41 -9.67
CA PRO A 451 -19.29 -5.15 -9.20
C PRO A 451 -19.52 -3.71 -8.71
N ALA A 452 -20.78 -3.41 -8.39
CA ALA A 452 -21.18 -2.07 -7.93
C ALA A 452 -20.54 -1.68 -6.59
N ASP A 453 -20.38 -2.66 -5.70
CA ASP A 453 -19.71 -2.43 -4.41
C ASP A 453 -18.23 -2.07 -4.55
N GLN A 454 -17.57 -2.56 -5.61
CA GLN A 454 -16.14 -2.34 -5.85
C GLN A 454 -15.85 -1.43 -7.05
N LYS A 455 -16.86 -0.72 -7.56
CA LYS A 455 -16.71 0.09 -8.77
C LYS A 455 -15.84 1.33 -8.50
N PRO A 456 -14.75 1.53 -9.29
CA PRO A 456 -13.94 2.74 -9.10
C PRO A 456 -14.67 4.05 -9.41
N GLU A 457 -14.53 5.02 -8.52
CA GLU A 457 -15.05 6.38 -8.72
C GLU A 457 -13.87 7.33 -8.96
N CYS A 458 -14.02 8.25 -9.91
CA CYS A 458 -12.96 9.20 -10.25
C CYS A 458 -13.09 10.50 -9.43
N ARG A 459 -13.31 10.35 -8.13
CA ARG A 459 -13.63 11.49 -7.27
C ARG A 459 -12.32 12.18 -6.81
N PRO A 460 -12.25 13.52 -6.84
CA PRO A 460 -13.32 14.43 -7.28
C PRO A 460 -13.38 14.61 -8.80
N TYR A 461 -14.59 14.65 -9.35
CA TYR A 461 -14.83 14.89 -10.79
C TYR A 461 -16.01 15.83 -10.97
N TRP A 462 -15.89 16.74 -11.94
CA TRP A 462 -16.94 17.72 -12.24
C TRP A 462 -16.91 18.16 -13.70
N GLU A 463 -18.08 18.48 -14.23
CA GLU A 463 -18.22 18.88 -15.64
C GLU A 463 -17.83 20.35 -15.82
N LYS A 464 -17.62 20.74 -17.08
CA LYS A 464 -17.26 22.13 -17.43
C LYS A 464 -18.34 23.15 -17.06
N ASP A 465 -19.61 22.73 -17.07
CA ASP A 465 -20.74 23.59 -16.72
C ASP A 465 -21.00 23.74 -15.21
N ASP A 466 -20.23 23.04 -14.36
CA ASP A 466 -20.42 23.07 -12.91
C ASP A 466 -19.89 24.39 -12.32
N ALA A 467 -20.81 25.25 -11.87
CA ALA A 467 -20.47 26.57 -11.35
C ALA A 467 -19.94 26.57 -9.91
N SER A 468 -20.14 25.47 -9.17
CA SER A 468 -19.66 25.36 -7.79
C SER A 468 -18.13 25.30 -7.67
N MET A 469 -17.46 24.82 -8.73
CA MET A 469 -15.99 24.69 -8.74
C MET A 469 -15.36 25.85 -9.52
N PRO A 470 -14.34 26.50 -8.93
CA PRO A 470 -13.73 27.68 -9.57
C PRO A 470 -12.91 27.41 -10.83
N LEU A 471 -12.34 26.21 -10.96
CA LEU A 471 -11.52 25.83 -12.12
C LEU A 471 -12.05 24.56 -12.78
N PRO A 472 -11.78 24.38 -14.09
CA PRO A 472 -12.19 23.15 -14.77
C PRO A 472 -11.33 21.94 -14.39
N PHE A 473 -11.88 20.74 -14.59
CA PHE A 473 -11.15 19.49 -14.39
C PHE A 473 -9.98 19.39 -15.36
N ASP A 474 -10.26 19.65 -16.63
CA ASP A 474 -9.24 19.64 -17.68
C ASP A 474 -8.47 20.97 -17.65
N LEU A 475 -7.18 20.89 -17.33
CA LEU A 475 -6.31 22.07 -17.21
C LEU A 475 -5.44 22.33 -18.46
N THR A 476 -5.71 21.65 -19.57
CA THR A 476 -4.86 21.70 -20.77
C THR A 476 -4.71 23.11 -21.34
N ASP A 477 -5.82 23.83 -21.45
CA ASP A 477 -5.80 25.20 -21.98
C ASP A 477 -5.15 26.20 -21.02
N ILE A 478 -5.35 26.01 -19.73
CA ILE A 478 -4.69 26.82 -18.70
C ILE A 478 -3.17 26.62 -18.75
N VAL A 479 -2.73 25.37 -18.80
CA VAL A 479 -1.29 25.03 -18.82
C VAL A 479 -0.61 25.56 -20.10
N SER A 480 -1.25 25.38 -21.26
CA SER A 480 -0.70 25.88 -22.53
C SER A 480 -0.59 27.41 -22.57
N GLU A 481 -1.56 28.10 -21.96
CA GLU A 481 -1.56 29.56 -21.86
C GLU A 481 -0.42 30.07 -20.97
N LEU A 482 -0.24 29.44 -19.81
CA LEU A 482 0.85 29.79 -18.90
C LEU A 482 2.23 29.57 -19.53
N ARG A 483 2.38 28.49 -20.28
CA ARG A 483 3.61 28.23 -21.05
C ARG A 483 3.87 29.32 -22.08
N GLY A 484 2.84 29.68 -22.84
CA GLY A 484 2.92 30.76 -23.83
C GLY A 484 3.38 32.07 -23.24
N GLN A 485 2.84 32.42 -22.07
CA GLN A 485 3.22 33.66 -21.37
C GLN A 485 4.69 33.73 -20.99
N LEU A 486 5.28 32.59 -20.59
CA LEU A 486 6.72 32.51 -20.31
C LEU A 486 7.59 32.76 -21.56
N LEU A 487 7.11 32.31 -22.73
CA LEU A 487 7.83 32.50 -24.00
C LEU A 487 7.70 33.91 -24.61
N GLU A 488 6.86 34.78 -24.02
CA GLU A 488 6.69 36.16 -24.48
C GLU A 488 8.01 36.95 -24.40
O23 ZL6 B . 1.03 -12.88 -8.87
C22 ZL6 B . 1.14 -12.10 -9.83
O24 ZL6 B . 1.91 -12.37 -10.77
C21 ZL6 B . 0.36 -10.78 -9.75
C16 ZL6 B . 0.63 -9.90 -8.66
C17 ZL6 B . -0.10 -8.69 -8.62
C18 ZL6 B . -1.06 -8.40 -9.59
C19 ZL6 B . -1.31 -9.29 -10.63
C20 ZL6 B . -0.59 -10.49 -10.72
C51 ZL6 B . -0.93 -11.42 -11.89
N52 ZL6 B . -0.13 -11.57 -13.15
C56 ZL6 B . 0.88 -13.52 -14.49
C57 ZL6 B . 2.34 -13.07 -14.52
O60 ZL6 B . 2.38 -11.67 -14.84
C54 ZL6 B . 2.37 -10.89 -13.64
C53 ZL6 B . 0.94 -10.48 -13.27
C55 ZL6 B . 0.24 -13.05 -13.20
N15 ZL6 B . 1.59 -10.32 -7.76
C14 ZL6 B . 2.16 -9.52 -6.81
C12 ZL6 B . 1.43 -8.86 -5.80
C41 ZL6 B . -0.04 -9.25 -5.55
C42 ZL6 B . -0.68 -9.33 -4.18
C11 ZL6 B . 2.06 -7.88 -5.02
C04 ZL6 B . 3.39 -7.52 -5.24
C03 ZL6 B . 4.11 -8.17 -6.25
C02 ZL6 B . 3.49 -9.14 -7.04
C31 ZL6 B . 4.32 -9.81 -8.13
C32 ZL6 B . 3.99 -9.21 -9.50
C05 ZL6 B . 4.10 -6.47 -4.39
C06 ZL6 B . 3.86 -6.44 -3.00
C07 ZL6 B . 4.51 -5.49 -2.21
N08 ZL6 B . 5.38 -4.62 -2.76
C09 ZL6 B . 5.65 -4.63 -4.08
C10 ZL6 B . 5.02 -5.56 -4.92
C1 AKG C . 3.47 -10.36 -0.45
O1 AKG C . 2.72 -9.40 -0.73
O2 AKG C . 4.71 -10.23 -0.43
C2 AKG C . 2.92 -11.68 -0.12
O5 AKG C . 3.62 -12.68 -0.26
C3 AKG C . 1.50 -11.83 0.37
C4 AKG C . 0.74 -12.85 -0.48
C5 AKG C . 0.53 -14.18 0.19
O3 AKG C . -0.13 -15.04 -0.45
O4 AKG C . 0.99 -14.42 1.33
#